data_7BTS
#
_entry.id   7BTS
#
_cell.length_a   377.980
_cell.length_b   66.220
_cell.length_c   47.860
_cell.angle_alpha   90.000
_cell.angle_beta   93.883
_cell.angle_gamma   90.000
#
_symmetry.space_group_name_H-M   'C 1 2 1'
#
loop_
_entity.id
_entity.type
_entity.pdbx_description
1 polymer 'Lysozyme-Beta-1 adrenergic receptor chimera'
2 polymer 'Camelid Antibody Fragment'
3 non-polymer L-EPINEPHRINE
4 non-polymer 'SULFATE ION'
5 non-polymer 'SODIUM ION'
6 non-polymer '4-(2-HYDROXYETHYL)-1-PIPERAZINE ETHANESULFONIC ACID'
7 non-polymer CHOLESTEROL
8 non-polymer '(2S)-2,3-dihydroxypropyl (7Z)-tetradec-7-enoate'
#
loop_
_entity_poly.entity_id
_entity_poly.type
_entity_poly.pdbx_seq_one_letter_code
_entity_poly.pdbx_strand_id
1 'polypeptide(L)'
;DYKDDDDANIFEMLRIDEGLRLKIYKDTEGYYTIGIGHLLTKSPSLNAAKSELDKAIGRNTNGVITKDEAEKLFNQDVDA
AVRGILRNAKLKPVYDSLDAVRRAALINMVFQMGETGVAGFTNSLRMLQQKRWDEAAVNLAKSRWYNQTPNRAKRVITTF
RTGTWDAYAASQQWTAGMGLLMALIVLLIVAGNVLVIVAIAKTPRLQTLTNLFIMSLASADLVMGLLVVPFGATIVVWGR
WEYGSFFCELWTSVDVLCVTASIETLCVIALDRYLAITSPFRYQSLLTRARARGLVCTVWAISALVSFLPILMHWWRAES
DEARRCYNDPKCCDFVTNRAYAIASSVVSFYVPLCIMAFVYLRVFREAQKQVKKIDSVALREQKALKTLGIIMGVFTLCW
LPFFLANVVKAFHRELVPDRLFVFFNWLGYANSAFNPIIYCRSPDFRKAFQGLLCCARRAAR
;
A
2 'polypeptide(L)'
;QVQLQESGGGLVQAGGSLRLSCAASGSIFALNIMGWYRQAPGKQRELVAAIHSGGTTNYANSVKGRFTISRDNAANTVYL
QMNSLKPEDTAVYYCNVKDFGAIIYDYDYWGQGTQVTVSS
;
B
#
loop_
_chem_comp.id
_chem_comp.type
_chem_comp.name
_chem_comp.formula
1WV non-polymer '(2S)-2,3-dihydroxypropyl (7Z)-tetradec-7-enoate' 'C17 H32 O4'
ALE non-polymer L-EPINEPHRINE 'C9 H13 N O3'
CLR non-polymer CHOLESTEROL 'C27 H46 O'
EPE non-polymer '4-(2-HYDROXYETHYL)-1-PIPERAZINE ETHANESULFONIC ACID' 'C8 H18 N2 O4 S'
NA non-polymer 'SODIUM ION' 'Na 1'
SO4 non-polymer 'SULFATE ION' 'O4 S -2'
#
# COMPACT_ATOMS: atom_id res chain seq x y z
N ASP A 1 -10.59 -24.23 -37.18
CA ASP A 1 -11.77 -24.84 -37.78
C ASP A 1 -12.61 -23.72 -38.40
N TYR A 2 -13.81 -24.05 -38.89
CA TYR A 2 -14.68 -23.03 -39.45
C TYR A 2 -15.21 -22.11 -38.35
N LYS A 3 -14.91 -20.82 -38.46
CA LYS A 3 -15.45 -19.80 -37.57
C LYS A 3 -16.51 -18.98 -38.29
N ASP A 4 -17.39 -18.41 -37.49
CA ASP A 4 -18.43 -17.50 -37.95
C ASP A 4 -18.24 -16.17 -37.23
N ASP A 5 -19.03 -15.18 -37.64
CA ASP A 5 -19.01 -13.91 -36.92
C ASP A 5 -19.90 -13.97 -35.68
N ASP A 6 -21.00 -14.75 -35.74
CA ASP A 6 -21.75 -15.07 -34.54
C ASP A 6 -20.90 -15.82 -33.53
N ASP A 7 -20.14 -16.81 -34.01
CA ASP A 7 -19.32 -17.62 -33.12
C ASP A 7 -18.32 -16.77 -32.35
N ALA A 8 -17.76 -15.75 -32.98
CA ALA A 8 -16.79 -14.91 -32.29
C ALA A 8 -17.45 -14.03 -31.23
N ASN A 9 -18.71 -13.65 -31.43
CA ASN A 9 -19.40 -12.84 -30.43
C ASN A 9 -19.65 -13.65 -29.16
N ILE A 10 -20.16 -14.88 -29.31
CA ILE A 10 -20.38 -15.71 -28.14
C ILE A 10 -19.06 -16.11 -27.49
N PHE A 11 -17.95 -16.06 -28.23
CA PHE A 11 -16.65 -16.29 -27.62
C PHE A 11 -16.24 -15.12 -26.74
N GLU A 12 -16.37 -13.90 -27.25
CA GLU A 12 -16.02 -12.72 -26.46
C GLU A 12 -16.97 -12.51 -25.29
N MET A 13 -18.21 -12.99 -25.39
CA MET A 13 -19.14 -12.93 -24.26
C MET A 13 -18.59 -13.70 -23.07
N LEU A 14 -18.21 -14.96 -23.27
CA LEU A 14 -17.72 -15.76 -22.15
C LEU A 14 -16.28 -15.46 -21.81
N ARG A 15 -15.48 -14.97 -22.77
CA ARG A 15 -14.16 -14.46 -22.41
C ARG A 15 -14.28 -13.46 -21.27
N ILE A 16 -15.29 -12.59 -21.33
CA ILE A 16 -15.53 -11.63 -20.26
C ILE A 16 -16.12 -12.31 -19.03
N ASP A 17 -17.09 -13.22 -19.22
CA ASP A 17 -17.78 -13.81 -18.08
C ASP A 17 -16.91 -14.82 -17.34
N GLU A 18 -16.25 -15.72 -18.06
CA GLU A 18 -15.52 -16.82 -17.44
C GLU A 18 -14.01 -16.68 -17.52
N GLY A 19 -13.47 -15.89 -18.44
CA GLY A 19 -12.04 -15.74 -18.58
C GLY A 19 -11.45 -16.64 -19.66
N LEU A 20 -10.28 -16.26 -20.14
CA LEU A 20 -9.54 -17.02 -21.15
C LEU A 20 -8.17 -17.39 -20.61
N ARG A 21 -7.82 -18.66 -20.73
CA ARG A 21 -6.50 -19.16 -20.36
C ARG A 21 -5.91 -19.88 -21.56
N LEU A 22 -4.69 -19.50 -21.94
CA LEU A 22 -4.01 -20.14 -23.06
C LEU A 22 -3.01 -21.19 -22.62
N LYS A 23 -3.01 -21.53 -21.33
CA LYS A 23 -2.13 -22.52 -20.74
C LYS A 23 -2.96 -23.40 -19.82
N ILE A 24 -2.66 -24.69 -19.79
CA ILE A 24 -3.44 -25.63 -18.99
C ILE A 24 -3.50 -25.16 -17.54
N TYR A 25 -4.70 -25.20 -16.96
CA TYR A 25 -4.94 -24.79 -15.59
C TYR A 25 -5.92 -25.78 -14.95
N LYS A 26 -6.19 -25.58 -13.67
CA LYS A 26 -7.09 -26.46 -12.91
C LYS A 26 -8.41 -25.75 -12.62
N ASP A 27 -9.51 -26.51 -12.70
CA ASP A 27 -10.82 -25.97 -12.38
C ASP A 27 -11.11 -26.20 -10.90
N THR A 28 -12.36 -25.98 -10.48
CA THR A 28 -12.68 -26.06 -9.05
C THR A 28 -12.47 -27.47 -8.51
N GLU A 29 -12.58 -28.49 -9.35
CA GLU A 29 -12.42 -29.88 -8.91
C GLU A 29 -11.00 -30.40 -9.10
N GLY A 30 -10.06 -29.56 -9.54
CA GLY A 30 -8.70 -29.98 -9.77
C GLY A 30 -8.44 -30.60 -11.14
N TYR A 31 -9.43 -30.58 -12.02
CA TYR A 31 -9.30 -31.21 -13.32
C TYR A 31 -8.64 -30.25 -14.32
N TYR A 32 -7.82 -30.80 -15.20
CA TYR A 32 -7.07 -29.97 -16.12
C TYR A 32 -7.97 -29.42 -17.23
N THR A 33 -7.74 -28.15 -17.56
CA THR A 33 -8.65 -27.37 -18.39
C THR A 33 -7.82 -26.37 -19.20
N ILE A 34 -8.34 -25.93 -20.34
CA ILE A 34 -7.69 -24.89 -21.13
C ILE A 34 -8.76 -24.08 -21.85
N GLY A 35 -8.38 -22.90 -22.32
CA GLY A 35 -9.32 -22.07 -23.06
C GLY A 35 -10.32 -21.43 -22.13
N ILE A 36 -11.59 -21.42 -22.56
CA ILE A 36 -12.68 -20.97 -21.70
C ILE A 36 -13.36 -22.23 -21.20
N GLY A 37 -12.85 -22.76 -20.09
CA GLY A 37 -13.50 -23.88 -19.40
C GLY A 37 -13.66 -25.14 -20.22
N HIS A 38 -12.67 -25.48 -21.05
CA HIS A 38 -12.73 -26.72 -21.81
C HIS A 38 -12.01 -27.83 -21.05
N LEU A 39 -12.78 -28.74 -20.47
CA LEU A 39 -12.24 -29.87 -19.74
C LEU A 39 -11.41 -30.77 -20.66
N LEU A 40 -10.14 -30.97 -20.32
CA LEU A 40 -9.30 -31.86 -21.10
C LEU A 40 -9.45 -33.31 -20.65
N THR A 41 -9.37 -33.57 -19.35
CA THR A 41 -9.44 -34.92 -18.80
C THR A 41 -9.69 -34.82 -17.30
N LYS A 42 -10.26 -35.88 -16.75
CA LYS A 42 -10.31 -36.02 -15.30
C LYS A 42 -9.09 -36.74 -14.75
N SER A 43 -8.18 -37.17 -15.62
CA SER A 43 -6.97 -37.84 -15.17
C SER A 43 -6.05 -36.86 -14.45
N PRO A 44 -5.40 -37.31 -13.37
CA PRO A 44 -4.46 -36.43 -12.64
C PRO A 44 -3.10 -36.27 -13.30
N SER A 45 -2.94 -36.72 -14.54
CA SER A 45 -1.67 -36.65 -15.24
C SER A 45 -1.65 -35.43 -16.16
N LEU A 46 -0.67 -34.55 -15.96
CA LEU A 46 -0.54 -33.40 -16.84
C LEU A 46 -0.20 -33.84 -18.27
N ASN A 47 0.65 -34.85 -18.40
CA ASN A 47 0.97 -35.37 -19.73
C ASN A 47 -0.26 -35.95 -20.42
N ALA A 48 -1.15 -36.57 -19.65
CA ALA A 48 -2.39 -37.09 -20.24
C ALA A 48 -3.26 -35.94 -20.74
N ALA A 49 -3.31 -34.85 -19.98
CA ALA A 49 -4.04 -33.67 -20.45
C ALA A 49 -3.39 -33.08 -21.69
N LYS A 50 -2.05 -33.13 -21.76
CA LYS A 50 -1.36 -32.65 -22.95
C LYS A 50 -1.64 -33.52 -24.16
N SER A 51 -1.78 -34.83 -23.95
CA SER A 51 -2.13 -35.71 -25.07
C SER A 51 -3.53 -35.43 -25.58
N GLU A 52 -4.49 -35.22 -24.67
CA GLU A 52 -5.85 -34.90 -25.10
C GLU A 52 -5.89 -33.57 -25.83
N LEU A 53 -5.11 -32.60 -25.36
CA LEU A 53 -5.07 -31.29 -26.01
C LEU A 53 -4.48 -31.39 -27.42
N ASP A 54 -3.41 -32.18 -27.58
CA ASP A 54 -2.76 -32.28 -28.88
C ASP A 54 -3.66 -33.01 -29.89
N LYS A 55 -4.42 -34.01 -29.43
CA LYS A 55 -5.36 -34.71 -30.30
C LYS A 55 -6.46 -33.78 -30.80
N ALA A 56 -6.93 -32.87 -29.93
CA ALA A 56 -8.06 -32.02 -30.29
C ALA A 56 -7.61 -30.83 -31.14
N ILE A 57 -6.44 -30.28 -30.84
CA ILE A 57 -5.95 -29.10 -31.55
C ILE A 57 -5.32 -29.49 -32.89
N GLY A 58 -4.62 -30.62 -32.92
CA GLY A 58 -3.91 -31.04 -34.11
C GLY A 58 -2.53 -30.42 -34.18
N ARG A 59 -1.84 -30.40 -33.03
CA ARG A 59 -0.52 -29.80 -32.94
C ARG A 59 0.10 -30.20 -31.61
N ASN A 60 1.43 -30.30 -31.59
CA ASN A 60 2.17 -30.49 -30.34
C ASN A 60 2.19 -29.15 -29.62
N THR A 61 1.30 -28.99 -28.64
CA THR A 61 1.14 -27.72 -27.96
C THR A 61 2.00 -27.59 -26.72
N ASN A 62 2.30 -28.71 -26.07
CA ASN A 62 3.03 -28.73 -24.80
C ASN A 62 2.31 -27.88 -23.75
N GLY A 63 0.98 -27.81 -23.83
CA GLY A 63 0.19 -27.13 -22.84
C GLY A 63 -0.21 -25.71 -23.18
N VAL A 64 0.46 -25.06 -24.12
CA VAL A 64 0.17 -23.68 -24.49
C VAL A 64 -0.49 -23.65 -25.86
N ILE A 65 -1.56 -22.87 -25.98
CA ILE A 65 -2.34 -22.77 -27.20
C ILE A 65 -2.55 -21.30 -27.53
N THR A 66 -2.99 -21.04 -28.75
CA THR A 66 -3.27 -19.68 -29.20
C THR A 66 -4.74 -19.35 -28.93
N LYS A 67 -5.09 -18.09 -29.16
CA LYS A 67 -6.49 -17.70 -29.03
C LYS A 67 -7.36 -18.42 -30.05
N ASP A 68 -6.90 -18.50 -31.31
CA ASP A 68 -7.68 -19.18 -32.33
C ASP A 68 -7.92 -20.64 -31.96
N GLU A 69 -6.88 -21.30 -31.43
CA GLU A 69 -7.04 -22.68 -30.97
C GLU A 69 -8.04 -22.77 -29.82
N ALA A 70 -8.03 -21.78 -28.92
CA ALA A 70 -9.03 -21.75 -27.86
C ALA A 70 -10.43 -21.57 -28.43
N GLU A 71 -10.57 -20.78 -29.50
CA GLU A 71 -11.89 -20.64 -30.12
C GLU A 71 -12.33 -21.92 -30.79
N LYS A 72 -11.40 -22.67 -31.38
CA LYS A 72 -11.75 -23.98 -31.92
C LYS A 72 -12.38 -24.85 -30.85
N LEU A 73 -11.74 -24.92 -29.69
CA LEU A 73 -12.26 -25.70 -28.58
C LEU A 73 -13.59 -25.11 -28.10
N PHE A 74 -13.67 -23.79 -28.00
CA PHE A 74 -14.89 -23.16 -27.51
C PHE A 74 -16.07 -23.48 -28.41
N ASN A 75 -15.90 -23.38 -29.72
CA ASN A 75 -17.03 -23.58 -30.61
C ASN A 75 -17.52 -25.01 -30.57
N GLN A 76 -16.63 -25.98 -30.33
CA GLN A 76 -17.05 -27.36 -30.14
C GLN A 76 -17.95 -27.50 -28.93
N ASP A 77 -17.57 -26.87 -27.81
CA ASP A 77 -18.42 -26.87 -26.64
C ASP A 77 -19.77 -26.22 -26.92
N VAL A 78 -19.80 -25.18 -27.78
CA VAL A 78 -21.07 -24.54 -28.09
C VAL A 78 -21.94 -25.46 -28.94
N ASP A 79 -21.33 -26.14 -29.91
CA ASP A 79 -22.08 -27.09 -30.72
C ASP A 79 -22.71 -28.17 -29.85
N ALA A 80 -21.96 -28.68 -28.88
CA ALA A 80 -22.47 -29.72 -27.99
C ALA A 80 -23.63 -29.19 -27.13
N ALA A 81 -23.46 -28.00 -26.56
CA ALA A 81 -24.56 -27.38 -25.84
C ALA A 81 -25.81 -27.23 -26.71
N VAL A 82 -25.63 -26.79 -27.97
CA VAL A 82 -26.78 -26.61 -28.86
C VAL A 82 -27.44 -27.94 -29.17
N ARG A 83 -26.65 -28.98 -29.48
CA ARG A 83 -27.23 -30.30 -29.72
C ARG A 83 -28.00 -30.78 -28.49
N GLY A 84 -27.47 -30.52 -27.29
CA GLY A 84 -28.22 -30.83 -26.09
C GLY A 84 -29.53 -30.05 -26.03
N ILE A 85 -29.47 -28.75 -26.30
CA ILE A 85 -30.67 -27.92 -26.26
C ILE A 85 -31.73 -28.43 -27.24
N LEU A 86 -31.31 -28.94 -28.40
CA LEU A 86 -32.28 -29.41 -29.39
C LEU A 86 -32.90 -30.75 -29.04
N ARG A 87 -32.23 -31.58 -28.23
CA ARG A 87 -32.81 -32.84 -27.79
C ARG A 87 -33.74 -32.68 -26.59
N ASN A 88 -33.80 -31.50 -26.00
CA ASN A 88 -34.58 -31.25 -24.79
C ASN A 88 -35.85 -30.49 -25.15
N ALA A 89 -37.00 -31.12 -24.90
CA ALA A 89 -38.28 -30.54 -25.28
C ALA A 89 -38.62 -29.27 -24.50
N LYS A 90 -37.88 -28.96 -23.45
CA LYS A 90 -38.12 -27.74 -22.67
C LYS A 90 -37.33 -26.55 -23.21
N LEU A 91 -36.23 -26.79 -23.92
CA LEU A 91 -35.36 -25.72 -24.39
C LEU A 91 -35.43 -25.49 -25.88
N LYS A 92 -35.84 -26.50 -26.66
CA LYS A 92 -35.85 -26.35 -28.11
C LYS A 92 -36.86 -25.31 -28.59
N PRO A 93 -38.12 -25.30 -28.13
CA PRO A 93 -39.05 -24.25 -28.62
C PRO A 93 -38.54 -22.84 -28.37
N VAL A 94 -37.98 -22.58 -27.18
CA VAL A 94 -37.45 -21.26 -26.88
C VAL A 94 -36.25 -20.94 -27.75
N TYR A 95 -35.32 -21.90 -27.85
CA TYR A 95 -34.12 -21.70 -28.65
C TYR A 95 -34.47 -21.40 -30.10
N ASP A 96 -35.38 -22.18 -30.68
CA ASP A 96 -35.71 -22.04 -32.10
C ASP A 96 -36.27 -20.66 -32.44
N SER A 97 -36.86 -19.96 -31.47
CA SER A 97 -37.49 -18.68 -31.74
C SER A 97 -36.57 -17.48 -31.45
N LEU A 98 -35.44 -17.69 -30.78
CA LEU A 98 -34.60 -16.58 -30.37
C LEU A 98 -33.71 -16.10 -31.51
N ASP A 99 -33.50 -14.79 -31.58
CA ASP A 99 -32.47 -14.25 -32.46
C ASP A 99 -31.09 -14.67 -31.97
N ALA A 100 -30.08 -14.39 -32.79
CA ALA A 100 -28.73 -14.89 -32.52
C ALA A 100 -28.15 -14.34 -31.22
N VAL A 101 -28.39 -13.06 -30.93
CA VAL A 101 -27.82 -12.46 -29.72
C VAL A 101 -28.45 -13.06 -28.47
N ARG A 102 -29.78 -13.13 -28.42
CA ARG A 102 -30.43 -13.74 -27.27
C ARG A 102 -30.20 -15.24 -27.22
N ARG A 103 -29.92 -15.83 -28.38
CA ARG A 103 -29.54 -17.23 -28.45
C ARG A 103 -28.21 -17.48 -27.75
N ALA A 104 -27.32 -16.49 -27.75
CA ALA A 104 -26.06 -16.60 -27.02
C ALA A 104 -26.23 -16.41 -25.52
N ALA A 105 -27.22 -15.62 -25.11
CA ALA A 105 -27.49 -15.49 -23.68
C ALA A 105 -27.95 -16.81 -23.08
N LEU A 106 -28.83 -17.52 -23.79
CA LEU A 106 -29.30 -18.82 -23.31
C LEU A 106 -28.16 -19.83 -23.24
N ILE A 107 -27.28 -19.85 -24.24
CA ILE A 107 -26.12 -20.72 -24.21
C ILE A 107 -25.19 -20.33 -23.07
N ASN A 108 -25.13 -19.04 -22.74
CA ASN A 108 -24.33 -18.61 -21.61
C ASN A 108 -24.85 -19.23 -20.32
N MET A 109 -26.18 -19.21 -20.13
CA MET A 109 -26.77 -19.81 -18.95
C MET A 109 -26.46 -21.31 -18.87
N VAL A 110 -26.56 -22.00 -20.01
CA VAL A 110 -26.30 -23.44 -20.01
C VAL A 110 -24.85 -23.72 -19.66
N PHE A 111 -23.92 -22.86 -20.08
CA PHE A 111 -22.52 -23.04 -19.68
C PHE A 111 -22.34 -22.80 -18.18
N GLN A 112 -23.17 -21.96 -17.57
CA GLN A 112 -22.99 -21.66 -16.15
C GLN A 112 -23.70 -22.67 -15.25
N MET A 113 -24.88 -23.14 -15.65
CA MET A 113 -25.72 -23.95 -14.79
C MET A 113 -26.02 -25.33 -15.34
N GLY A 114 -25.82 -25.57 -16.64
CA GLY A 114 -26.10 -26.86 -17.24
C GLY A 114 -27.46 -26.90 -17.92
N GLU A 115 -27.61 -27.85 -18.83
CA GLU A 115 -28.86 -28.00 -19.57
C GLU A 115 -30.05 -28.26 -18.65
N THR A 116 -29.88 -29.16 -17.68
CA THR A 116 -30.98 -29.45 -16.77
C THR A 116 -31.34 -28.23 -15.94
N GLY A 117 -30.33 -27.53 -15.42
CA GLY A 117 -30.61 -26.35 -14.61
C GLY A 117 -31.39 -25.29 -15.34
N VAL A 118 -31.01 -25.02 -16.60
CA VAL A 118 -31.67 -23.96 -17.36
C VAL A 118 -33.10 -24.37 -17.74
N ALA A 119 -33.34 -25.67 -17.95
CA ALA A 119 -34.68 -26.12 -18.32
C ALA A 119 -35.70 -25.96 -17.20
N GLY A 120 -35.25 -25.73 -15.97
CA GLY A 120 -36.15 -25.48 -14.86
C GLY A 120 -36.74 -24.08 -14.84
N PHE A 121 -36.25 -23.17 -15.68
CA PHE A 121 -36.80 -21.83 -15.79
C PHE A 121 -38.04 -21.81 -16.68
N THR A 122 -39.02 -22.65 -16.36
CA THR A 122 -40.16 -22.86 -17.25
C THR A 122 -40.82 -21.55 -17.65
N ASN A 123 -41.12 -20.68 -16.67
CA ASN A 123 -41.92 -19.49 -16.95
C ASN A 123 -41.12 -18.43 -17.68
N SER A 124 -39.86 -18.21 -17.28
CA SER A 124 -39.02 -17.26 -18.00
C SER A 124 -38.80 -17.72 -19.45
N LEU A 125 -38.60 -19.02 -19.65
CA LEU A 125 -38.41 -19.53 -21.00
C LEU A 125 -39.65 -19.34 -21.85
N ARG A 126 -40.84 -19.55 -21.26
CA ARG A 126 -42.08 -19.27 -22.00
C ARG A 126 -42.18 -17.79 -22.35
N MET A 127 -41.85 -16.92 -21.41
CA MET A 127 -41.90 -15.48 -21.68
C MET A 127 -40.93 -15.09 -22.78
N LEU A 128 -39.72 -15.66 -22.78
CA LEU A 128 -38.78 -15.41 -23.86
C LEU A 128 -39.30 -15.91 -25.19
N GLN A 129 -39.92 -17.10 -25.20
CA GLN A 129 -40.45 -17.65 -26.44
C GLN A 129 -41.50 -16.74 -27.05
N GLN A 130 -42.29 -16.08 -26.21
CA GLN A 130 -43.34 -15.18 -26.66
C GLN A 130 -42.83 -13.76 -26.91
N LYS A 131 -41.52 -13.54 -26.76
CA LYS A 131 -40.86 -12.26 -27.05
C LYS A 131 -41.32 -11.17 -26.08
N ARG A 132 -41.55 -11.55 -24.82
CA ARG A 132 -41.99 -10.65 -23.77
C ARG A 132 -40.77 -10.23 -22.94
N TRP A 133 -39.94 -9.38 -23.56
CA TRP A 133 -38.57 -9.21 -23.08
C TRP A 133 -38.53 -8.57 -21.69
N ASP A 134 -39.26 -7.47 -21.49
CA ASP A 134 -39.21 -6.80 -20.20
C ASP A 134 -39.77 -7.68 -19.08
N GLU A 135 -40.85 -8.41 -19.36
CA GLU A 135 -41.42 -9.28 -18.34
C GLU A 135 -40.48 -10.44 -18.01
N ALA A 136 -39.80 -10.98 -19.02
CA ALA A 136 -38.83 -12.03 -18.78
C ALA A 136 -37.64 -11.50 -17.98
N ALA A 137 -37.21 -10.27 -18.27
CA ALA A 137 -36.09 -9.68 -17.53
C ALA A 137 -36.45 -9.48 -16.06
N VAL A 138 -37.69 -9.07 -15.78
CA VAL A 138 -38.12 -8.90 -14.39
C VAL A 138 -38.12 -10.24 -13.66
N ASN A 139 -38.73 -11.26 -14.27
CA ASN A 139 -38.81 -12.56 -13.62
C ASN A 139 -37.42 -13.14 -13.36
N LEU A 140 -36.54 -13.04 -14.35
CA LEU A 140 -35.18 -13.56 -14.19
C LEU A 140 -34.44 -12.83 -13.07
N ALA A 141 -34.73 -11.55 -12.85
CA ALA A 141 -34.08 -10.80 -11.80
C ALA A 141 -34.47 -11.28 -10.41
N LYS A 142 -35.55 -12.05 -10.30
CA LYS A 142 -36.01 -12.61 -9.04
C LYS A 142 -35.44 -13.99 -8.78
N SER A 143 -34.61 -14.51 -9.68
CA SER A 143 -34.17 -15.90 -9.67
C SER A 143 -33.15 -16.15 -8.57
N ARG A 144 -32.96 -17.43 -8.25
CA ARG A 144 -31.83 -17.82 -7.42
C ARG A 144 -30.52 -17.55 -8.15
N TRP A 145 -30.52 -17.73 -9.46
CA TRP A 145 -29.39 -17.39 -10.30
C TRP A 145 -28.93 -15.94 -10.09
N TYR A 146 -29.89 -15.01 -10.13
CA TYR A 146 -29.54 -13.60 -9.97
C TYR A 146 -28.94 -13.34 -8.58
N ASN A 147 -29.52 -13.93 -7.53
CA ASN A 147 -29.03 -13.67 -6.19
C ASN A 147 -27.67 -14.31 -5.96
N GLN A 148 -27.39 -15.43 -6.63
CA GLN A 148 -26.10 -16.08 -6.47
C GLN A 148 -25.00 -15.36 -7.23
N THR A 149 -25.25 -14.97 -8.47
CA THR A 149 -24.23 -14.39 -9.34
C THR A 149 -24.78 -13.13 -10.00
N PRO A 150 -24.97 -12.04 -9.23
CA PRO A 150 -25.69 -10.87 -9.77
C PRO A 150 -25.04 -10.22 -10.98
N ASN A 151 -23.71 -10.03 -10.96
CA ASN A 151 -23.05 -9.32 -12.03
C ASN A 151 -23.17 -10.08 -13.36
N ARG A 152 -22.82 -11.37 -13.34
CA ARG A 152 -23.03 -12.24 -14.50
C ARG A 152 -24.47 -12.16 -14.99
N ALA A 153 -25.43 -12.28 -14.07
CA ALA A 153 -26.84 -12.33 -14.47
C ALA A 153 -27.33 -10.98 -14.97
N LYS A 154 -26.83 -9.87 -14.40
CA LYS A 154 -27.20 -8.56 -14.94
C LYS A 154 -26.80 -8.44 -16.40
N ARG A 155 -25.62 -8.95 -16.76
CA ARG A 155 -25.18 -8.86 -18.13
C ARG A 155 -26.00 -9.76 -19.05
N VAL A 156 -26.30 -10.97 -18.59
CA VAL A 156 -27.06 -11.90 -19.42
C VAL A 156 -28.50 -11.42 -19.58
N ILE A 157 -29.11 -10.94 -18.49
CA ILE A 157 -30.50 -10.46 -18.56
C ILE A 157 -30.61 -9.25 -19.47
N THR A 158 -29.66 -8.31 -19.37
CA THR A 158 -29.62 -7.19 -20.30
C THR A 158 -29.57 -7.67 -21.74
N THR A 159 -28.88 -8.79 -21.98
CA THR A 159 -28.83 -9.31 -23.34
C THR A 159 -30.19 -9.86 -23.78
N PHE A 160 -30.88 -10.61 -22.90
CA PHE A 160 -32.23 -11.05 -23.24
C PHE A 160 -33.15 -9.85 -23.48
N ARG A 161 -33.05 -8.83 -22.63
CA ARG A 161 -34.03 -7.74 -22.67
C ARG A 161 -33.87 -6.88 -23.93
N THR A 162 -32.62 -6.62 -24.33
CA THR A 162 -32.36 -5.67 -25.41
C THR A 162 -31.98 -6.34 -26.72
N GLY A 163 -31.53 -7.59 -26.69
CA GLY A 163 -31.02 -8.22 -27.89
C GLY A 163 -29.73 -7.64 -28.40
N THR A 164 -28.99 -6.90 -27.57
CA THR A 164 -27.75 -6.25 -27.97
C THR A 164 -26.61 -6.76 -27.11
N TRP A 165 -25.40 -6.29 -27.41
CA TRP A 165 -24.21 -6.62 -26.65
C TRP A 165 -23.76 -5.51 -25.71
N ASP A 166 -24.68 -4.63 -25.34
CA ASP A 166 -24.33 -3.47 -24.59
C ASP A 166 -23.80 -3.74 -23.23
N ALA A 167 -24.31 -4.79 -22.58
CA ALA A 167 -23.86 -5.10 -21.22
C ALA A 167 -22.39 -5.50 -21.29
N TYR A 168 -21.98 -6.15 -22.37
CA TYR A 168 -20.60 -6.54 -22.55
C TYR A 168 -19.75 -5.43 -23.14
N ALA A 169 -20.35 -4.55 -23.95
CA ALA A 169 -19.65 -3.36 -24.38
C ALA A 169 -19.37 -2.43 -23.21
N ALA A 170 -20.33 -2.30 -22.30
CA ALA A 170 -20.13 -1.43 -21.13
C ALA A 170 -19.08 -2.02 -20.19
N SER A 171 -19.10 -3.33 -20.00
CA SER A 171 -18.11 -3.96 -19.13
C SER A 171 -16.71 -3.73 -19.66
N GLN A 172 -16.54 -3.80 -20.99
CA GLN A 172 -15.20 -3.67 -21.56
C GLN A 172 -14.71 -2.23 -21.50
N GLN A 173 -15.62 -1.25 -21.67
CA GLN A 173 -15.26 0.14 -21.47
C GLN A 173 -14.81 0.39 -20.05
N TRP A 174 -15.53 -0.17 -19.07
CA TRP A 174 -15.14 -0.04 -17.68
C TRP A 174 -13.78 -0.68 -17.43
N THR A 175 -13.55 -1.85 -18.03
CA THR A 175 -12.29 -2.57 -17.83
C THR A 175 -11.10 -1.74 -18.28
N ALA A 176 -11.17 -1.17 -19.48
CA ALA A 176 -10.08 -0.32 -19.94
C ALA A 176 -9.96 0.94 -19.09
N GLY A 177 -11.10 1.50 -18.66
CA GLY A 177 -11.06 2.72 -17.87
C GLY A 177 -10.34 2.53 -16.55
N MET A 178 -10.69 1.48 -15.81
CA MET A 178 -10.02 1.22 -14.55
C MET A 178 -8.56 0.83 -14.75
N GLY A 179 -8.27 0.08 -15.81
CA GLY A 179 -6.89 -0.27 -16.12
C GLY A 179 -6.02 0.97 -16.27
N LEU A 180 -6.55 2.02 -16.88
CA LEU A 180 -5.84 3.30 -16.93
C LEU A 180 -5.60 3.83 -15.54
N LEU A 181 -6.67 3.98 -14.74
CA LEU A 181 -6.53 4.50 -13.40
C LEU A 181 -5.62 3.63 -12.54
N MET A 182 -5.68 2.31 -12.72
CA MET A 182 -4.80 1.42 -11.95
C MET A 182 -3.34 1.65 -12.31
N ALA A 183 -3.03 1.71 -13.61
CA ALA A 183 -1.66 1.92 -14.04
C ALA A 183 -1.11 3.25 -13.51
N LEU A 184 -1.96 4.27 -13.45
CA LEU A 184 -1.53 5.54 -12.87
C LEU A 184 -1.19 5.36 -11.40
N ILE A 185 -2.07 4.71 -10.64
CA ILE A 185 -1.80 4.46 -9.22
C ILE A 185 -0.52 3.66 -9.05
N VAL A 186 -0.29 2.67 -9.92
CA VAL A 186 0.93 1.87 -9.81
C VAL A 186 2.14 2.74 -10.10
N LEU A 187 2.02 3.68 -11.04
CA LEU A 187 3.15 4.54 -11.40
C LEU A 187 3.55 5.44 -10.22
N LEU A 188 2.57 6.09 -9.60
CA LEU A 188 2.88 7.00 -8.50
C LEU A 188 3.56 6.27 -7.34
N ILE A 189 3.05 5.09 -6.97
CA ILE A 189 3.64 4.33 -5.87
C ILE A 189 5.08 3.98 -6.19
N VAL A 190 5.31 3.39 -7.36
CA VAL A 190 6.66 2.91 -7.70
C VAL A 190 7.62 4.07 -7.86
N ALA A 191 7.22 5.09 -8.62
CA ALA A 191 8.12 6.22 -8.88
C ALA A 191 8.50 6.93 -7.60
N GLY A 192 7.50 7.35 -6.82
CA GLY A 192 7.78 8.07 -5.59
C GLY A 192 8.65 7.29 -4.63
N ASN A 193 8.44 5.98 -4.53
CA ASN A 193 9.20 5.18 -3.57
C ASN A 193 10.58 4.80 -4.10
N VAL A 194 10.70 4.51 -5.40
CA VAL A 194 12.03 4.25 -5.93
C VAL A 194 12.86 5.53 -5.94
N LEU A 195 12.20 6.69 -6.00
CA LEU A 195 12.93 7.96 -5.97
C LEU A 195 13.51 8.21 -4.58
N VAL A 196 12.78 7.82 -3.54
CA VAL A 196 13.27 7.99 -2.18
C VAL A 196 14.41 7.02 -1.90
N ILE A 197 14.31 5.78 -2.38
CA ILE A 197 15.32 4.78 -2.09
C ILE A 197 16.67 5.18 -2.69
N VAL A 198 16.66 5.61 -3.96
CA VAL A 198 17.92 5.97 -4.60
C VAL A 198 18.47 7.27 -4.04
N ALA A 199 17.61 8.18 -3.59
CA ALA A 199 18.08 9.43 -3.00
C ALA A 199 18.89 9.15 -1.74
N ILE A 200 18.48 8.16 -0.96
CA ILE A 200 19.22 7.84 0.26
C ILE A 200 20.53 7.14 -0.08
N ALA A 201 20.52 6.26 -1.08
CA ALA A 201 21.70 5.47 -1.38
C ALA A 201 22.78 6.27 -2.10
N LYS A 202 22.43 7.37 -2.76
CA LYS A 202 23.39 8.19 -3.49
C LYS A 202 23.68 9.53 -2.82
N THR A 203 23.30 9.69 -1.56
CA THR A 203 23.57 10.94 -0.86
C THR A 203 24.09 10.67 0.55
N PRO A 204 25.33 11.05 0.87
CA PRO A 204 25.83 10.84 2.22
C PRO A 204 25.13 11.67 3.27
N ARG A 205 24.62 12.85 2.90
CA ARG A 205 23.91 13.69 3.86
C ARG A 205 22.60 13.06 4.30
N LEU A 206 21.92 12.33 3.40
CA LEU A 206 20.65 11.71 3.72
C LEU A 206 20.79 10.40 4.48
N GLN A 207 21.99 9.82 4.55
CA GLN A 207 22.14 8.54 5.22
C GLN A 207 22.20 8.72 6.73
N THR A 208 21.22 9.44 7.29
CA THR A 208 21.13 9.60 8.73
C THR A 208 20.50 8.34 9.32
N LEU A 209 20.19 8.37 10.62
CA LEU A 209 19.63 7.18 11.24
C LEU A 209 18.11 7.18 11.15
N THR A 210 17.49 8.36 11.26
CA THR A 210 16.04 8.45 11.05
C THR A 210 15.66 8.05 9.64
N ASN A 211 16.42 8.50 8.65
CA ASN A 211 16.13 8.15 7.25
C ASN A 211 16.40 6.69 6.95
N LEU A 212 17.12 5.97 7.82
CA LEU A 212 17.22 4.53 7.65
C LEU A 212 15.86 3.87 7.83
N PHE A 213 15.06 4.38 8.76
CA PHE A 213 13.70 3.90 8.92
C PHE A 213 12.85 4.25 7.71
N ILE A 214 13.05 5.45 7.15
CA ILE A 214 12.27 5.86 5.99
C ILE A 214 12.63 5.01 4.77
N MET A 215 13.85 4.47 4.73
CA MET A 215 14.16 3.52 3.66
C MET A 215 13.37 2.23 3.82
N SER A 216 13.15 1.79 5.06
CA SER A 216 12.30 0.63 5.30
C SER A 216 10.88 0.88 4.81
N LEU A 217 10.32 2.05 5.16
CA LEU A 217 8.99 2.41 4.67
C LEU A 217 8.96 2.42 3.14
N ALA A 218 9.95 3.06 2.52
CA ALA A 218 9.96 3.16 1.06
C ALA A 218 10.11 1.79 0.41
N SER A 219 10.79 0.85 1.08
CA SER A 219 10.92 -0.49 0.52
C SER A 219 9.65 -1.30 0.70
N ALA A 220 9.02 -1.23 1.88
CA ALA A 220 7.74 -1.88 2.08
C ALA A 220 6.69 -1.32 1.14
N ASP A 221 6.78 -0.03 0.81
CA ASP A 221 5.86 0.55 -0.15
C ASP A 221 6.27 0.28 -1.60
N LEU A 222 7.55 -0.04 -1.84
CA LEU A 222 7.96 -0.34 -3.22
C LEU A 222 7.45 -1.72 -3.64
N VAL A 223 7.58 -2.73 -2.77
CA VAL A 223 7.02 -4.03 -3.08
C VAL A 223 5.50 -3.95 -3.18
N MET A 224 4.90 -3.01 -2.43
CA MET A 224 3.46 -2.79 -2.53
C MET A 224 3.06 -2.46 -3.96
N GLY A 225 3.81 -1.56 -4.61
CA GLY A 225 3.50 -1.14 -5.96
C GLY A 225 4.04 -2.02 -7.05
N LEU A 226 4.97 -2.93 -6.74
CA LEU A 226 5.52 -3.84 -7.73
C LEU A 226 4.82 -5.19 -7.77
N LEU A 227 4.32 -5.66 -6.63
CA LEU A 227 3.72 -6.99 -6.55
C LEU A 227 2.28 -6.98 -6.06
N VAL A 228 1.96 -6.14 -5.07
CA VAL A 228 0.64 -6.22 -4.43
C VAL A 228 -0.39 -5.45 -5.25
N VAL A 229 -0.16 -4.16 -5.46
CA VAL A 229 -1.13 -3.34 -6.19
C VAL A 229 -1.33 -3.79 -7.63
N PRO A 230 -0.31 -4.15 -8.40
CA PRO A 230 -0.57 -4.59 -9.79
C PRO A 230 -1.45 -5.82 -9.88
N PHE A 231 -1.16 -6.87 -9.12
CA PHE A 231 -1.99 -8.06 -9.18
C PHE A 231 -3.35 -7.84 -8.53
N GLY A 232 -3.42 -6.98 -7.52
CA GLY A 232 -4.72 -6.60 -6.99
C GLY A 232 -5.57 -5.85 -7.99
N ALA A 233 -4.94 -5.20 -8.96
CA ALA A 233 -5.67 -4.51 -10.01
C ALA A 233 -6.28 -5.49 -11.02
N THR A 234 -5.67 -6.66 -11.17
CA THR A 234 -6.20 -7.66 -12.10
C THR A 234 -7.56 -8.17 -11.64
N ILE A 235 -7.79 -8.27 -10.34
CA ILE A 235 -9.08 -8.73 -9.84
C ILE A 235 -10.15 -7.67 -10.07
N VAL A 236 -9.77 -6.39 -10.07
CA VAL A 236 -10.77 -5.34 -10.24
C VAL A 236 -11.17 -5.18 -11.70
N VAL A 237 -10.21 -5.24 -12.62
CA VAL A 237 -10.53 -5.00 -14.03
C VAL A 237 -11.04 -6.25 -14.73
N TRP A 238 -10.73 -7.44 -14.21
CA TRP A 238 -11.14 -8.68 -14.85
C TRP A 238 -12.15 -9.47 -14.04
N GLY A 239 -12.45 -9.05 -12.81
CA GLY A 239 -13.43 -9.71 -11.97
C GLY A 239 -13.01 -11.05 -11.42
N ARG A 240 -11.78 -11.50 -11.68
CA ARG A 240 -11.32 -12.82 -11.27
C ARG A 240 -9.84 -12.77 -10.97
N TRP A 241 -9.39 -13.77 -10.22
CA TRP A 241 -7.97 -14.06 -10.08
C TRP A 241 -7.56 -14.99 -11.22
N GLU A 242 -6.48 -14.61 -11.93
CA GLU A 242 -6.10 -15.31 -13.14
C GLU A 242 -4.77 -16.04 -13.01
N TYR A 243 -4.31 -16.35 -11.80
CA TYR A 243 -2.95 -16.84 -11.63
C TYR A 243 -2.86 -18.08 -10.74
N GLY A 244 -3.96 -18.79 -10.54
CA GLY A 244 -3.95 -20.06 -9.84
C GLY A 244 -3.97 -19.91 -8.33
N SER A 245 -4.27 -21.04 -7.67
CA SER A 245 -4.45 -21.03 -6.22
C SER A 245 -3.15 -20.73 -5.49
N PHE A 246 -2.02 -21.26 -5.97
CA PHE A 246 -0.76 -21.09 -5.27
C PHE A 246 -0.34 -19.62 -5.21
N PHE A 247 -0.37 -18.93 -6.35
CA PHE A 247 -0.02 -17.52 -6.37
C PHE A 247 -1.02 -16.66 -5.62
N CYS A 248 -2.26 -17.12 -5.46
CA CYS A 248 -3.20 -16.39 -4.60
C CYS A 248 -2.72 -16.39 -3.16
N GLU A 249 -2.20 -17.52 -2.68
CA GLU A 249 -1.68 -17.56 -1.32
C GLU A 249 -0.45 -16.67 -1.17
N LEU A 250 0.47 -16.71 -2.14
CA LEU A 250 1.66 -15.88 -2.07
C LEU A 250 1.32 -14.41 -2.16
N TRP A 251 0.46 -14.05 -3.09
CA TRP A 251 0.11 -12.65 -3.21
C TRP A 251 -0.51 -12.18 -1.97
N THR A 252 -1.41 -12.95 -1.43
CA THR A 252 -2.05 -12.55 -0.19
C THR A 252 -1.03 -12.37 0.92
N SER A 253 0.01 -13.21 0.94
CA SER A 253 1.03 -13.11 1.97
C SER A 253 1.90 -11.86 1.77
N VAL A 254 2.39 -11.66 0.54
CA VAL A 254 3.14 -10.44 0.23
C VAL A 254 2.42 -9.14 0.55
N ASP A 255 1.10 -9.12 0.32
CA ASP A 255 0.30 -7.96 0.73
C ASP A 255 0.28 -7.77 2.24
N VAL A 256 -0.01 -8.84 2.99
CA VAL A 256 -0.07 -8.73 4.44
C VAL A 256 1.33 -8.44 4.93
N LEU A 257 2.35 -9.02 4.30
CA LEU A 257 3.74 -8.71 4.62
C LEU A 257 4.02 -7.22 4.53
N CYS A 258 3.80 -6.64 3.35
CA CYS A 258 4.16 -5.25 3.11
C CYS A 258 3.28 -4.29 3.89
N VAL A 259 1.98 -4.60 4.03
CA VAL A 259 1.11 -3.73 4.81
C VAL A 259 1.54 -3.71 6.26
N THR A 260 1.94 -4.87 6.81
CA THR A 260 2.41 -4.91 8.18
C THR A 260 3.73 -4.15 8.33
N ALA A 261 4.69 -4.42 7.44
CA ALA A 261 5.98 -3.75 7.52
C ALA A 261 5.81 -2.24 7.37
N SER A 262 4.95 -1.80 6.45
CA SER A 262 4.83 -0.38 6.16
C SER A 262 4.24 0.38 7.34
N ILE A 263 3.17 -0.15 7.94
CA ILE A 263 2.50 0.57 9.01
C ILE A 263 3.34 0.53 10.28
N GLU A 264 3.94 -0.62 10.60
CA GLU A 264 4.80 -0.67 11.77
C GLU A 264 6.03 0.20 11.61
N THR A 265 6.50 0.41 10.38
CA THR A 265 7.59 1.35 10.15
C THR A 265 7.15 2.78 10.41
N LEU A 266 5.93 3.13 10.00
CA LEU A 266 5.36 4.41 10.41
C LEU A 266 5.31 4.52 11.93
N CYS A 267 5.10 3.40 12.61
CA CYS A 267 5.09 3.39 14.07
C CYS A 267 6.49 3.62 14.63
N VAL A 268 7.50 3.00 14.02
CA VAL A 268 8.88 3.19 14.47
C VAL A 268 9.33 4.62 14.22
N ILE A 269 9.03 5.16 13.03
CA ILE A 269 9.36 6.54 12.72
C ILE A 269 8.68 7.48 13.72
N ALA A 270 7.43 7.19 14.08
CA ALA A 270 6.75 8.01 15.08
C ALA A 270 7.48 7.98 16.41
N LEU A 271 7.95 6.80 16.83
CA LEU A 271 8.74 6.71 18.05
C LEU A 271 10.08 7.42 17.90
N ASP A 272 10.76 7.19 16.76
CA ASP A 272 12.07 7.78 16.55
C ASP A 272 12.06 9.28 16.76
N ARG A 273 11.14 9.98 16.10
CA ARG A 273 11.12 11.43 16.22
C ARG A 273 10.78 11.86 17.63
N TYR A 274 9.88 11.13 18.30
CA TYR A 274 9.55 11.47 19.68
C TYR A 274 10.78 11.53 20.56
N LEU A 275 11.70 10.57 20.40
CA LEU A 275 12.92 10.57 21.19
C LEU A 275 13.82 11.72 20.80
N ALA A 276 13.96 11.99 19.50
CA ALA A 276 14.86 13.04 19.05
C ALA A 276 14.31 14.43 19.35
N ILE A 277 12.99 14.60 19.36
CA ILE A 277 12.42 15.92 19.58
C ILE A 277 12.27 16.23 21.08
N THR A 278 12.14 15.22 21.92
CA THR A 278 11.97 15.40 23.37
C THR A 278 13.26 15.23 24.14
N SER A 279 13.94 14.09 23.98
CA SER A 279 15.21 13.81 24.67
C SER A 279 16.29 13.56 23.61
N PRO A 280 16.71 14.61 22.89
CA PRO A 280 17.61 14.40 21.75
C PRO A 280 18.98 13.88 22.14
N PHE A 281 19.41 14.10 23.38
CA PHE A 281 20.77 13.75 23.77
C PHE A 281 20.86 12.29 24.21
N ARG A 282 19.86 11.82 24.97
CA ARG A 282 19.77 10.39 25.23
C ARG A 282 19.40 9.64 23.96
N TYR A 283 18.69 10.29 23.04
CA TYR A 283 18.41 9.72 21.72
C TYR A 283 19.70 9.41 20.96
N GLN A 284 20.56 10.41 20.79
CA GLN A 284 21.78 10.25 19.99
C GLN A 284 22.72 9.20 20.57
N SER A 285 22.63 8.94 21.88
CA SER A 285 23.54 8.01 22.54
C SER A 285 22.99 6.58 22.59
N LEU A 286 21.68 6.42 22.83
CA LEU A 286 21.13 5.09 23.03
C LEU A 286 20.78 4.39 21.71
N LEU A 287 20.27 5.14 20.74
CA LEU A 287 19.91 4.56 19.44
C LEU A 287 21.16 4.50 18.58
N THR A 288 21.81 3.33 18.56
CA THR A 288 23.03 3.14 17.81
C THR A 288 22.73 2.73 16.37
N ARG A 289 23.79 2.45 15.60
CA ARG A 289 23.62 1.97 14.24
C ARG A 289 22.91 0.62 14.23
N ALA A 290 23.44 -0.35 14.99
CA ALA A 290 22.89 -1.70 14.98
C ALA A 290 21.49 -1.74 15.59
N ARG A 291 21.21 -0.87 16.56
CA ARG A 291 19.86 -0.84 17.14
C ARG A 291 18.83 -0.41 16.11
N ALA A 292 19.18 0.54 15.25
CA ALA A 292 18.27 0.94 14.19
C ALA A 292 18.04 -0.20 13.20
N ARG A 293 19.10 -0.91 12.83
CA ARG A 293 18.93 -2.12 12.03
C ARG A 293 18.27 -3.24 12.82
N GLY A 294 18.27 -3.14 14.16
CA GLY A 294 17.58 -4.14 14.96
C GLY A 294 16.07 -4.01 14.87
N LEU A 295 15.57 -2.77 14.84
CA LEU A 295 14.13 -2.57 14.74
C LEU A 295 13.60 -2.99 13.38
N VAL A 296 14.28 -2.58 12.29
CA VAL A 296 13.77 -2.89 10.96
C VAL A 296 13.71 -4.40 10.75
N CYS A 297 14.72 -5.13 11.21
CA CYS A 297 14.70 -6.58 11.09
C CYS A 297 13.58 -7.17 11.94
N THR A 298 13.33 -6.59 13.11
CA THR A 298 12.21 -7.06 13.93
C THR A 298 10.88 -6.81 13.24
N VAL A 299 10.73 -5.64 12.62
CA VAL A 299 9.49 -5.31 11.92
C VAL A 299 9.22 -6.32 10.80
N TRP A 300 10.23 -6.58 9.97
CA TRP A 300 10.03 -7.51 8.86
C TRP A 300 9.84 -8.94 9.34
N ALA A 301 10.56 -9.33 10.40
CA ALA A 301 10.38 -10.67 10.94
C ALA A 301 8.96 -10.87 11.46
N ILE A 302 8.43 -9.87 12.19
CA ILE A 302 7.04 -9.93 12.60
C ILE A 302 6.12 -9.99 11.40
N SER A 303 6.42 -9.20 10.36
CA SER A 303 5.56 -9.16 9.18
C SER A 303 5.52 -10.51 8.47
N ALA A 304 6.65 -11.19 8.38
CA ALA A 304 6.66 -12.51 7.77
C ALA A 304 5.88 -13.51 8.61
N LEU A 305 5.99 -13.42 9.94
CA LEU A 305 5.33 -14.37 10.81
C LEU A 305 3.81 -14.22 10.78
N VAL A 306 3.31 -12.99 10.56
CA VAL A 306 1.86 -12.80 10.50
C VAL A 306 1.30 -12.99 9.10
N SER A 307 2.16 -13.14 8.08
CA SER A 307 1.68 -13.25 6.70
C SER A 307 1.97 -14.61 6.09
N PHE A 308 3.24 -15.00 5.99
CA PHE A 308 3.55 -16.24 5.30
C PHE A 308 3.25 -17.45 6.18
N LEU A 309 3.57 -17.36 7.46
CA LEU A 309 3.32 -18.50 8.36
C LEU A 309 1.84 -18.86 8.43
N PRO A 310 0.94 -17.96 8.83
CA PRO A 310 -0.46 -18.40 9.01
C PRO A 310 -1.18 -18.67 7.70
N ILE A 311 -0.92 -17.87 6.66
CA ILE A 311 -1.66 -18.03 5.41
C ILE A 311 -1.27 -19.33 4.72
N LEU A 312 0.04 -19.61 4.65
CA LEU A 312 0.47 -20.84 3.98
C LEU A 312 0.18 -22.08 4.83
N MET A 313 0.13 -21.93 6.15
CA MET A 313 -0.28 -23.03 7.02
C MET A 313 -1.80 -23.17 7.10
N HIS A 314 -2.54 -22.39 6.30
CA HIS A 314 -3.99 -22.45 6.22
C HIS A 314 -4.68 -22.15 7.55
N TRP A 315 -3.97 -21.50 8.48
CA TRP A 315 -4.58 -21.11 9.74
C TRP A 315 -5.59 -19.98 9.55
N TRP A 316 -5.49 -19.25 8.45
CA TRP A 316 -6.33 -18.08 8.21
C TRP A 316 -7.67 -18.45 7.58
N ARG A 317 -7.87 -19.73 7.25
CA ARG A 317 -9.05 -20.17 6.52
C ARG A 317 -10.29 -20.19 7.39
N ALA A 318 -11.36 -19.55 6.92
CA ALA A 318 -12.68 -19.71 7.50
C ALA A 318 -13.30 -21.03 7.03
N GLU A 319 -14.41 -21.41 7.67
CA GLU A 319 -14.99 -22.73 7.44
C GLU A 319 -16.45 -22.66 7.03
N SER A 320 -16.86 -21.57 6.39
CA SER A 320 -18.21 -21.48 5.85
C SER A 320 -18.24 -22.00 4.41
N ASP A 321 -19.45 -22.16 3.87
CA ASP A 321 -19.57 -22.53 2.47
C ASP A 321 -18.98 -21.44 1.57
N GLU A 322 -19.23 -20.18 1.90
CA GLU A 322 -18.71 -19.06 1.11
C GLU A 322 -17.19 -19.05 1.07
N ALA A 323 -16.55 -19.37 2.20
CA ALA A 323 -15.10 -19.35 2.26
C ALA A 323 -14.50 -20.58 1.56
N ARG A 324 -15.06 -21.76 1.84
CA ARG A 324 -14.54 -22.98 1.21
C ARG A 324 -14.73 -22.96 -0.29
N ARG A 325 -15.79 -22.29 -0.76
CA ARG A 325 -15.99 -22.17 -2.20
C ARG A 325 -14.88 -21.35 -2.84
N CYS A 326 -14.50 -20.24 -2.20
CA CYS A 326 -13.43 -19.41 -2.74
C CYS A 326 -12.08 -20.10 -2.66
N TYR A 327 -11.87 -20.94 -1.65
CA TYR A 327 -10.60 -21.64 -1.51
C TYR A 327 -10.43 -22.70 -2.59
N ASN A 328 -11.50 -23.43 -2.91
CA ASN A 328 -11.43 -24.45 -3.95
C ASN A 328 -11.39 -23.86 -5.35
N ASP A 329 -11.85 -22.62 -5.52
CA ASP A 329 -11.92 -22.01 -6.84
C ASP A 329 -10.64 -21.23 -7.10
N PRO A 330 -9.76 -21.67 -8.00
CA PRO A 330 -8.54 -20.90 -8.28
C PRO A 330 -8.83 -19.51 -8.79
N LYS A 331 -9.98 -19.32 -9.47
CA LYS A 331 -10.33 -18.00 -9.97
C LYS A 331 -10.79 -17.04 -8.89
N CYS A 332 -10.97 -17.50 -7.65
CA CYS A 332 -11.36 -16.64 -6.54
C CYS A 332 -10.16 -16.39 -5.64
N CYS A 333 -9.88 -15.12 -5.36
CA CYS A 333 -8.80 -14.77 -4.45
C CYS A 333 -9.27 -13.69 -3.48
N ASP A 334 -10.54 -13.76 -3.07
CA ASP A 334 -11.09 -12.84 -2.09
C ASP A 334 -10.39 -13.01 -0.74
N PHE A 335 -10.47 -12.00 0.09
CA PHE A 335 -9.91 -12.14 1.41
C PHE A 335 -10.98 -12.64 2.34
N VAL A 336 -11.07 -13.93 2.57
CA VAL A 336 -12.04 -14.44 3.48
C VAL A 336 -11.26 -15.10 4.54
N THR A 337 -11.26 -14.53 5.71
CA THR A 337 -10.49 -15.10 6.82
C THR A 337 -11.39 -15.38 8.01
N ASN A 338 -10.87 -16.18 8.93
CA ASN A 338 -11.60 -16.48 10.15
C ASN A 338 -11.45 -15.33 11.16
N ARG A 339 -12.16 -15.47 12.29
CA ARG A 339 -12.22 -14.36 13.23
C ARG A 339 -10.87 -14.14 13.92
N ALA A 340 -10.18 -15.22 14.29
CA ALA A 340 -8.94 -15.08 15.03
C ALA A 340 -7.88 -14.35 14.21
N TYR A 341 -7.66 -14.81 12.98
CA TYR A 341 -6.65 -14.16 12.15
C TYR A 341 -7.06 -12.74 11.80
N ALA A 342 -8.35 -12.50 11.56
CA ALA A 342 -8.81 -11.16 11.23
C ALA A 342 -8.51 -10.18 12.36
N ILE A 343 -8.62 -10.62 13.60
CA ILE A 343 -8.32 -9.75 14.73
C ILE A 343 -6.81 -9.70 14.98
N ALA A 344 -6.17 -10.87 15.04
CA ALA A 344 -4.74 -10.91 15.33
C ALA A 344 -3.93 -10.16 14.28
N SER A 345 -4.28 -10.32 13.02
CA SER A 345 -3.55 -9.60 11.98
C SER A 345 -3.84 -8.11 12.05
N SER A 346 -5.09 -7.73 12.33
CA SER A 346 -5.42 -6.32 12.42
C SER A 346 -4.71 -5.65 13.60
N VAL A 347 -4.61 -6.35 14.73
CA VAL A 347 -3.91 -5.79 15.90
C VAL A 347 -2.44 -5.59 15.59
N VAL A 348 -1.80 -6.63 15.04
CA VAL A 348 -0.35 -6.57 14.79
C VAL A 348 -0.03 -5.62 13.64
N SER A 349 -0.92 -5.50 12.67
CA SER A 349 -0.66 -4.64 11.52
C SER A 349 -1.11 -3.20 11.73
N PHE A 350 -2.25 -2.98 12.37
CA PHE A 350 -2.84 -1.65 12.41
C PHE A 350 -3.06 -1.10 13.81
N TYR A 351 -3.71 -1.87 14.69
CA TYR A 351 -4.24 -1.26 15.90
C TYR A 351 -3.14 -0.90 16.90
N VAL A 352 -2.18 -1.80 17.11
CA VAL A 352 -1.03 -1.45 17.95
C VAL A 352 -0.24 -0.28 17.36
N PRO A 353 0.14 -0.28 16.07
CA PRO A 353 0.82 0.91 15.53
C PRO A 353 -0.02 2.17 15.59
N LEU A 354 -1.35 2.05 15.48
CA LEU A 354 -2.20 3.24 15.59
C LEU A 354 -2.12 3.83 17.00
N CYS A 355 -2.19 2.98 18.02
CA CYS A 355 -2.20 3.46 19.40
C CYS A 355 -0.88 4.11 19.78
N ILE A 356 0.25 3.55 19.31
CA ILE A 356 1.54 4.15 19.58
C ILE A 356 1.66 5.50 18.88
N MET A 357 1.35 5.53 17.58
CA MET A 357 1.45 6.78 16.82
C MET A 357 0.50 7.84 17.38
N ALA A 358 -0.71 7.43 17.77
CA ALA A 358 -1.64 8.40 18.34
C ALA A 358 -1.15 8.93 19.67
N PHE A 359 -0.62 8.05 20.54
CA PHE A 359 -0.15 8.48 21.85
C PHE A 359 1.12 9.32 21.74
N VAL A 360 2.06 8.90 20.89
CA VAL A 360 3.31 9.63 20.72
C VAL A 360 3.05 11.04 20.20
N TYR A 361 2.37 11.15 19.05
CA TYR A 361 2.15 12.46 18.45
C TYR A 361 1.23 13.34 19.27
N LEU A 362 0.41 12.75 20.16
CA LEU A 362 -0.37 13.57 21.08
C LEU A 362 0.51 14.17 22.16
N ARG A 363 1.54 13.44 22.61
CA ARG A 363 2.42 13.95 23.65
C ARG A 363 3.40 14.98 23.13
N VAL A 364 3.80 14.87 21.85
CA VAL A 364 4.58 15.94 21.23
C VAL A 364 3.77 17.23 21.21
N PHE A 365 2.45 17.12 21.00
CA PHE A 365 1.58 18.29 21.12
C PHE A 365 1.48 18.77 22.56
N ARG A 366 1.58 17.86 23.53
CA ARG A 366 1.43 18.25 24.93
C ARG A 366 2.66 19.01 25.43
N GLU A 367 3.85 18.43 25.25
CA GLU A 367 5.07 19.07 25.72
C GLU A 367 5.45 20.29 24.90
N ALA A 368 4.81 20.51 23.75
CA ALA A 368 5.04 21.74 22.99
C ALA A 368 4.27 22.92 23.58
N GLN A 369 3.09 22.66 24.15
CA GLN A 369 2.31 23.72 24.76
C GLN A 369 2.74 24.01 26.19
N LYS A 370 3.44 23.07 26.83
CA LYS A 370 3.92 23.31 28.19
C LYS A 370 5.09 24.28 28.19
N GLN A 371 6.06 24.07 27.31
CA GLN A 371 7.26 24.90 27.24
C GLN A 371 7.11 25.98 26.16
N VAL A 372 6.08 26.81 26.34
CA VAL A 372 5.81 27.91 25.41
C VAL A 372 6.32 29.23 25.98
N ALA A 379 0.48 35.47 18.01
CA ALA A 379 0.97 34.60 16.95
C ALA A 379 2.07 33.67 17.47
N LEU A 380 2.17 32.48 16.88
CA LEU A 380 3.16 31.50 17.31
C LEU A 380 3.27 30.43 16.22
N ARG A 381 4.46 29.81 16.14
CA ARG A 381 4.70 28.77 15.15
C ARG A 381 3.99 27.46 15.48
N GLU A 382 3.35 27.36 16.65
CA GLU A 382 2.60 26.16 17.01
C GLU A 382 1.58 25.76 15.95
N GLN A 383 1.19 26.70 15.09
CA GLN A 383 0.19 26.39 14.06
C GLN A 383 0.80 25.56 12.93
N LYS A 384 2.01 25.91 12.49
CA LYS A 384 2.64 25.18 11.39
C LYS A 384 3.01 23.76 11.77
N ALA A 385 3.33 23.52 13.05
CA ALA A 385 3.63 22.17 13.49
C ALA A 385 2.37 21.35 13.75
N LEU A 386 1.26 22.02 14.09
CA LEU A 386 0.01 21.29 14.33
C LEU A 386 -0.58 20.78 13.02
N LYS A 387 -0.59 21.62 11.98
CA LYS A 387 -1.04 21.16 10.67
C LYS A 387 -0.19 20.02 10.15
N THR A 388 1.09 19.99 10.51
CA THR A 388 1.95 18.88 10.10
C THR A 388 1.53 17.58 10.77
N LEU A 389 1.29 17.63 12.10
CA LEU A 389 0.78 16.45 12.79
C LEU A 389 -0.58 16.04 12.25
N GLY A 390 -1.41 17.03 11.87
CA GLY A 390 -2.72 16.72 11.34
C GLY A 390 -2.67 15.90 10.06
N ILE A 391 -1.62 16.07 9.26
CA ILE A 391 -1.49 15.28 8.05
C ILE A 391 -0.92 13.91 8.34
N ILE A 392 0.10 13.83 9.21
CA ILE A 392 0.75 12.56 9.49
C ILE A 392 -0.24 11.56 10.03
N MET A 393 -1.14 12.00 10.92
CA MET A 393 -2.16 11.11 11.46
C MET A 393 -3.43 11.11 10.62
N GLY A 394 -3.80 12.26 10.05
CA GLY A 394 -5.02 12.31 9.24
C GLY A 394 -4.93 11.42 8.02
N VAL A 395 -3.86 11.54 7.25
CA VAL A 395 -3.72 10.73 6.04
C VAL A 395 -3.60 9.25 6.40
N PHE A 396 -2.80 8.94 7.44
CA PHE A 396 -2.67 7.55 7.86
C PHE A 396 -4.00 6.95 8.29
N THR A 397 -4.69 7.62 9.22
CA THR A 397 -5.97 7.12 9.70
C THR A 397 -6.98 7.03 8.56
N LEU A 398 -7.13 8.09 7.78
CA LEU A 398 -8.13 8.11 6.72
C LEU A 398 -7.93 6.96 5.73
N CYS A 399 -6.68 6.55 5.49
CA CYS A 399 -6.43 5.53 4.47
C CYS A 399 -6.67 4.11 4.98
N TRP A 400 -6.29 3.82 6.23
CA TRP A 400 -6.40 2.45 6.73
C TRP A 400 -7.49 2.22 7.77
N LEU A 401 -7.97 3.26 8.45
CA LEU A 401 -9.02 3.04 9.44
C LEU A 401 -10.28 2.44 8.84
N PRO A 402 -10.81 2.92 7.71
CA PRO A 402 -12.02 2.28 7.16
C PRO A 402 -11.83 0.79 6.89
N PHE A 403 -10.68 0.39 6.36
CA PHE A 403 -10.47 -1.02 6.06
C PHE A 403 -10.43 -1.86 7.32
N PHE A 404 -9.58 -1.50 8.28
CA PHE A 404 -9.41 -2.36 9.45
C PHE A 404 -10.59 -2.33 10.40
N LEU A 405 -11.51 -1.36 10.25
CA LEU A 405 -12.81 -1.50 10.90
C LEU A 405 -13.66 -2.55 10.17
N ALA A 406 -13.72 -2.45 8.84
CA ALA A 406 -14.45 -3.44 8.06
C ALA A 406 -13.84 -4.82 8.16
N ASN A 407 -12.51 -4.90 8.28
CA ASN A 407 -11.85 -6.21 8.35
C ASN A 407 -12.29 -6.97 9.58
N VAL A 408 -12.39 -6.29 10.73
CA VAL A 408 -12.79 -6.96 11.96
C VAL A 408 -14.29 -7.25 11.95
N VAL A 409 -15.09 -6.28 11.50
CA VAL A 409 -16.54 -6.45 11.49
C VAL A 409 -16.95 -7.58 10.55
N LYS A 410 -16.48 -7.51 9.30
CA LYS A 410 -16.89 -8.49 8.29
C LYS A 410 -16.59 -9.92 8.74
N ALA A 411 -15.52 -10.12 9.52
CA ALA A 411 -15.22 -11.47 9.99
C ALA A 411 -16.29 -11.99 10.93
N PHE A 412 -16.94 -11.12 11.70
CA PHE A 412 -18.00 -11.58 12.59
C PHE A 412 -19.36 -11.60 11.90
N HIS A 413 -19.66 -10.56 11.13
CA HIS A 413 -20.96 -10.40 10.47
C HIS A 413 -20.69 -10.24 8.98
N ARG A 414 -20.66 -11.37 8.27
CA ARG A 414 -20.26 -11.38 6.86
C ARG A 414 -21.18 -10.55 5.98
N GLU A 415 -22.42 -10.31 6.41
CA GLU A 415 -23.42 -9.65 5.58
C GLU A 415 -23.39 -8.12 5.71
N LEU A 416 -22.69 -7.56 6.71
CA LEU A 416 -22.71 -6.13 6.91
C LEU A 416 -21.77 -5.39 5.98
N VAL A 417 -20.62 -5.97 5.65
CA VAL A 417 -19.65 -5.28 4.81
C VAL A 417 -19.73 -5.84 3.40
N PRO A 418 -20.35 -5.12 2.46
CA PRO A 418 -20.37 -5.58 1.07
C PRO A 418 -18.97 -5.77 0.52
N ASP A 419 -18.81 -6.82 -0.28
CA ASP A 419 -17.50 -7.10 -0.89
C ASP A 419 -16.93 -5.94 -1.68
N ARG A 420 -17.80 -5.18 -2.32
CA ARG A 420 -17.41 -4.04 -3.11
C ARG A 420 -16.88 -2.93 -2.24
N LEU A 421 -17.55 -2.68 -1.14
CA LEU A 421 -17.13 -1.68 -0.17
C LEU A 421 -15.86 -2.16 0.51
N PHE A 422 -15.76 -3.46 0.77
CA PHE A 422 -14.58 -4.01 1.43
C PHE A 422 -13.34 -3.85 0.57
N VAL A 423 -13.46 -4.13 -0.74
CA VAL A 423 -12.33 -3.96 -1.65
C VAL A 423 -11.95 -2.48 -1.74
N PHE A 424 -12.94 -1.58 -1.74
CA PHE A 424 -12.66 -0.16 -1.85
C PHE A 424 -11.85 0.35 -0.66
N PHE A 425 -12.25 -0.04 0.55
CA PHE A 425 -11.49 0.36 1.74
C PHE A 425 -10.06 -0.14 1.67
N ASN A 426 -9.86 -1.33 1.08
CA ASN A 426 -8.50 -1.87 0.98
C ASN A 426 -7.66 -1.08 -0.01
N TRP A 427 -8.30 -0.44 -1.00
CA TRP A 427 -7.55 0.40 -1.93
C TRP A 427 -7.23 1.77 -1.37
N LEU A 428 -8.05 2.27 -0.44
CA LEU A 428 -7.65 3.45 0.32
C LEU A 428 -6.34 3.20 1.05
N GLY A 429 -6.20 2.00 1.64
CA GLY A 429 -4.94 1.65 2.28
C GLY A 429 -3.81 1.50 1.30
N TYR A 430 -4.08 0.87 0.14
CA TYR A 430 -3.07 0.81 -0.92
C TYR A 430 -2.57 2.19 -1.29
N ALA A 431 -3.44 3.19 -1.21
CA ALA A 431 -3.09 4.55 -1.61
C ALA A 431 -2.13 5.22 -0.64
N ASN A 432 -2.03 4.71 0.60
CA ASN A 432 -1.08 5.28 1.55
C ASN A 432 0.36 5.10 1.09
N SER A 433 0.64 4.01 0.38
CA SER A 433 1.99 3.75 -0.10
C SER A 433 2.48 4.81 -1.08
N ALA A 434 1.57 5.52 -1.74
CA ALA A 434 1.93 6.67 -2.57
C ALA A 434 2.04 7.94 -1.76
N PHE A 435 1.30 8.06 -0.66
CA PHE A 435 1.29 9.28 0.12
C PHE A 435 2.50 9.38 1.04
N ASN A 436 3.04 8.25 1.49
CA ASN A 436 4.14 8.28 2.45
C ASN A 436 5.36 9.04 1.96
N PRO A 437 5.89 8.81 0.75
CA PRO A 437 7.05 9.61 0.32
C PRO A 437 6.76 11.09 0.23
N ILE A 438 5.49 11.47 0.04
CA ILE A 438 5.15 12.89 0.03
C ILE A 438 5.18 13.46 1.45
N ILE A 439 4.82 12.66 2.44
CA ILE A 439 4.67 13.14 3.81
C ILE A 439 5.99 13.13 4.58
N TYR A 440 6.77 12.07 4.43
CA TYR A 440 7.94 11.86 5.29
C TYR A 440 9.25 12.28 4.66
N CYS A 441 9.26 12.67 3.39
CA CYS A 441 10.48 13.06 2.69
C CYS A 441 10.42 14.52 2.26
N ARG A 442 9.90 15.38 3.14
CA ARG A 442 9.66 16.78 2.82
C ARG A 442 10.78 17.69 3.34
N SER A 443 11.98 17.14 3.58
CA SER A 443 13.05 17.94 4.14
C SER A 443 13.80 18.68 3.05
N PRO A 444 14.50 19.77 3.39
CA PRO A 444 15.35 20.44 2.40
C PRO A 444 16.45 19.55 1.86
N ASP A 445 16.89 18.55 2.63
CA ASP A 445 17.90 17.63 2.13
C ASP A 445 17.34 16.74 1.03
N PHE A 446 16.10 16.25 1.19
CA PHE A 446 15.46 15.49 0.11
C PHE A 446 15.26 16.37 -1.11
N ARG A 447 14.76 17.59 -0.91
CA ARG A 447 14.47 18.47 -2.05
C ARG A 447 15.71 18.73 -2.88
N LYS A 448 16.84 19.04 -2.23
CA LYS A 448 18.08 19.24 -2.95
C LYS A 448 18.54 17.97 -3.65
N ALA A 449 18.16 16.81 -3.11
CA ALA A 449 18.54 15.54 -3.73
C ALA A 449 17.56 15.17 -4.84
N PHE A 450 16.26 15.34 -4.61
CA PHE A 450 15.27 15.06 -5.65
C PHE A 450 15.51 15.89 -6.89
N GLN A 451 15.90 17.14 -6.72
CA GLN A 451 16.16 17.91 -7.89
C GLN A 451 17.43 17.43 -8.53
N GLY A 452 18.32 16.89 -7.73
CA GLY A 452 19.59 16.43 -8.24
C GLY A 452 19.50 15.18 -9.07
N LEU A 453 18.42 14.46 -8.91
CA LEU A 453 18.18 13.22 -9.65
C LEU A 453 17.40 13.43 -10.93
N LEU A 454 16.60 14.50 -11.01
CA LEU A 454 15.74 14.73 -12.15
C LEU A 454 16.29 15.79 -13.11
N CYS A 455 17.24 16.60 -12.66
CA CYS A 455 17.81 17.68 -13.47
C CYS A 455 16.73 18.62 -14.01
N GLN B 1 14.22 35.49 6.85
CA GLN B 1 13.26 35.70 7.92
C GLN B 1 13.89 35.73 9.31
N VAL B 2 14.34 34.56 9.78
CA VAL B 2 14.86 34.42 11.12
C VAL B 2 16.37 34.69 11.11
N GLN B 3 16.80 35.67 11.92
CA GLN B 3 18.20 36.00 12.07
C GLN B 3 18.57 35.98 13.54
N LEU B 4 19.79 35.54 13.84
CA LEU B 4 20.29 35.42 15.20
C LEU B 4 21.54 36.26 15.36
N GLN B 5 21.57 37.10 16.39
CA GLN B 5 22.67 38.01 16.65
C GLN B 5 23.68 37.37 17.60
N GLU B 6 24.94 37.79 17.46
CA GLU B 6 26.09 37.06 18.00
C GLU B 6 27.02 38.05 18.68
N SER B 7 27.10 38.00 20.01
CA SER B 7 27.86 38.98 20.77
C SER B 7 28.75 38.28 21.78
N GLY B 8 29.77 39.01 22.25
CA GLY B 8 30.66 38.53 23.29
C GLY B 8 32.04 38.12 22.82
N GLY B 9 32.32 38.17 21.52
CA GLY B 9 33.61 37.73 21.02
C GLY B 9 34.70 38.77 21.25
N GLY B 10 35.93 38.28 21.36
CA GLY B 10 37.06 39.16 21.56
C GLY B 10 38.32 38.35 21.83
N LEU B 11 39.43 39.09 21.98
CA LEU B 11 40.72 38.50 22.25
C LEU B 11 41.08 38.74 23.71
N VAL B 12 41.66 37.72 24.36
CA VAL B 12 41.93 37.76 25.78
C VAL B 12 43.16 36.90 26.07
N GLN B 13 43.81 37.18 27.19
CA GLN B 13 45.00 36.43 27.57
C GLN B 13 44.63 35.04 28.06
N ALA B 14 45.62 34.15 28.05
CA ALA B 14 45.42 32.79 28.53
C ALA B 14 45.07 32.81 30.02
N GLY B 15 43.98 32.16 30.38
CA GLY B 15 43.49 32.12 31.74
C GLY B 15 42.36 33.07 32.03
N GLY B 16 42.01 33.95 31.09
CA GLY B 16 40.92 34.89 31.25
C GLY B 16 39.56 34.23 31.11
N SER B 17 38.59 35.02 30.67
CA SER B 17 37.23 34.53 30.52
C SER B 17 36.48 35.40 29.52
N LEU B 18 35.37 34.86 29.01
CA LEU B 18 34.48 35.57 28.10
C LEU B 18 33.05 35.18 28.41
N ARG B 19 32.11 35.83 27.72
CA ARG B 19 30.69 35.54 27.91
C ARG B 19 29.99 35.78 26.57
N LEU B 20 29.84 34.69 25.81
CA LEU B 20 29.16 34.76 24.52
C LEU B 20 27.65 34.88 24.71
N SER B 21 27.03 35.70 23.86
CA SER B 21 25.59 35.94 23.93
C SER B 21 25.02 35.84 22.51
N CYS B 22 23.97 35.03 22.36
CA CYS B 22 23.33 34.81 21.07
C CYS B 22 21.83 35.05 21.22
N ALA B 23 21.33 36.07 20.52
CA ALA B 23 19.91 36.41 20.51
C ALA B 23 19.36 36.10 19.13
N ALA B 24 18.32 35.28 19.07
CA ALA B 24 17.72 34.85 17.81
C ALA B 24 16.36 35.50 17.66
N SER B 25 16.22 36.36 16.65
CA SER B 25 14.94 37.00 16.36
C SER B 25 14.06 36.01 15.60
N GLY B 26 12.92 36.49 15.10
CA GLY B 26 12.01 35.64 14.36
C GLY B 26 11.30 34.64 15.24
N SER B 27 10.37 33.89 14.65
CA SER B 27 9.59 32.89 15.38
C SER B 27 10.22 31.52 15.22
N ILE B 28 10.25 30.76 16.31
CA ILE B 28 10.80 29.42 16.33
C ILE B 28 9.88 28.52 17.14
N PHE B 29 9.99 27.22 16.91
CA PHE B 29 9.15 26.24 17.58
C PHE B 29 9.63 26.02 19.01
N ALA B 30 8.69 25.65 19.88
CA ALA B 30 8.97 25.61 21.32
C ALA B 30 10.07 24.60 21.66
N LEU B 31 10.14 23.48 20.95
CA LEU B 31 11.16 22.48 21.18
C LEU B 31 12.32 22.72 20.22
N ASN B 32 13.50 23.00 20.76
CA ASN B 32 14.65 23.38 19.95
C ASN B 32 15.94 23.03 20.69
N ILE B 33 17.06 23.28 20.02
CA ILE B 33 18.39 23.12 20.60
C ILE B 33 19.22 24.33 20.18
N MET B 34 19.54 25.20 21.13
CA MET B 34 20.48 26.28 20.89
C MET B 34 21.88 25.80 21.28
N GLY B 35 22.83 25.96 20.37
CA GLY B 35 24.17 25.42 20.57
C GLY B 35 25.24 26.34 20.04
N TRP B 36 26.48 26.01 20.39
CA TRP B 36 27.67 26.72 19.93
C TRP B 36 28.61 25.73 19.27
N TYR B 37 29.12 26.11 18.09
CA TYR B 37 30.08 25.31 17.34
C TYR B 37 31.34 26.13 17.09
N ARG B 38 32.49 25.47 17.09
CA ARG B 38 33.76 26.15 16.87
C ARG B 38 34.57 25.45 15.79
N GLN B 39 35.25 26.25 14.97
CA GLN B 39 36.17 25.73 13.95
C GLN B 39 37.48 26.50 14.06
N ALA B 40 38.53 25.82 14.48
CA ALA B 40 39.86 26.39 14.45
C ALA B 40 40.44 26.27 13.04
N PRO B 41 41.43 27.09 12.71
CA PRO B 41 42.11 26.93 11.42
C PRO B 41 42.68 25.52 11.29
N GLY B 42 42.39 24.88 10.16
CA GLY B 42 42.72 23.48 10.01
C GLY B 42 41.56 22.55 10.31
N LYS B 43 41.51 22.04 11.54
CA LYS B 43 40.49 21.08 11.94
C LYS B 43 39.09 21.59 11.63
N GLN B 44 38.19 20.66 11.30
CA GLN B 44 36.83 20.99 10.89
C GLN B 44 35.96 21.33 12.11
N ARG B 45 34.70 21.65 11.83
CA ARG B 45 33.80 22.18 12.85
C ARG B 45 33.50 21.15 13.92
N GLU B 46 33.40 21.61 15.17
CA GLU B 46 33.08 20.77 16.30
C GLU B 46 32.11 21.50 17.21
N LEU B 47 31.36 20.72 18.00
CA LEU B 47 30.43 21.28 18.96
C LEU B 47 31.11 21.43 20.32
N VAL B 48 30.67 22.44 21.08
CA VAL B 48 31.14 22.66 22.44
C VAL B 48 30.00 22.54 23.45
N ALA B 49 28.89 23.22 23.22
CA ALA B 49 27.81 23.23 24.18
C ALA B 49 26.48 23.40 23.47
N ALA B 50 25.54 22.50 23.75
CA ALA B 50 24.17 22.60 23.26
C ALA B 50 23.22 22.52 24.44
N ILE B 51 22.12 23.25 24.35
CA ILE B 51 21.12 23.30 25.41
C ILE B 51 19.74 23.13 24.81
N HIS B 52 18.97 22.20 25.36
CA HIS B 52 17.64 21.88 24.87
C HIS B 52 16.60 22.73 25.60
N SER B 53 15.44 22.91 24.94
CA SER B 53 14.38 23.73 25.50
C SER B 53 13.88 23.21 26.85
N GLY B 54 14.12 21.94 27.16
CA GLY B 54 13.78 21.40 28.45
C GLY B 54 14.80 21.73 29.52
N GLY B 55 16.08 21.64 29.17
CA GLY B 55 17.13 21.96 30.10
C GLY B 55 18.33 21.03 29.99
N THR B 56 18.16 19.91 29.31
CA THR B 56 19.24 18.95 29.17
C THR B 56 20.41 19.56 28.41
N THR B 57 21.63 19.20 28.81
CA THR B 57 22.85 19.79 28.29
C THR B 57 23.68 18.72 27.58
N ASN B 58 24.71 19.19 26.87
CA ASN B 58 25.70 18.30 26.25
C ASN B 58 26.96 19.11 26.01
N TYR B 59 28.02 18.79 26.74
CA TYR B 59 29.30 19.49 26.63
C TYR B 59 30.36 18.53 26.08
N ALA B 60 31.15 19.01 25.13
CA ALA B 60 32.31 18.24 24.70
C ALA B 60 33.24 18.01 25.88
N ASN B 61 33.75 16.78 26.00
CA ASN B 61 34.48 16.41 27.22
C ASN B 61 35.83 17.12 27.32
N SER B 62 36.38 17.63 26.22
CA SER B 62 37.54 18.52 26.28
C SER B 62 37.17 19.91 26.74
N VAL B 63 35.88 20.17 26.97
CA VAL B 63 35.38 21.50 27.25
C VAL B 63 34.51 21.58 28.50
N LYS B 64 33.91 20.47 28.95
CA LYS B 64 33.01 20.47 30.09
C LYS B 64 33.72 20.93 31.36
N GLY B 65 32.93 21.38 32.32
CA GLY B 65 33.46 21.89 33.58
C GLY B 65 33.91 23.34 33.52
N ARG B 66 34.77 23.67 32.56
CA ARG B 66 35.23 25.04 32.36
C ARG B 66 34.14 25.90 31.71
N PHE B 67 33.33 25.29 30.84
CA PHE B 67 32.31 25.98 30.07
C PHE B 67 30.94 25.61 30.61
N THR B 68 30.02 26.58 30.59
CA THR B 68 28.63 26.34 30.97
C THR B 68 27.71 27.08 30.02
N ILE B 69 26.70 26.39 29.51
CA ILE B 69 25.71 26.95 28.60
C ILE B 69 24.40 27.12 29.35
N SER B 70 23.65 28.17 28.98
CA SER B 70 22.43 28.51 29.69
C SER B 70 21.44 29.14 28.72
N ARG B 71 20.17 29.14 29.13
CA ARG B 71 19.08 29.73 28.37
C ARG B 71 18.41 30.82 29.20
N ASP B 72 17.72 31.72 28.50
CA ASP B 72 16.98 32.79 29.15
C ASP B 72 15.51 32.42 29.23
N ASN B 73 14.92 32.60 30.41
CA ASN B 73 13.49 32.36 30.59
C ASN B 73 12.69 33.41 29.84
N ALA B 74 11.81 32.97 28.94
CA ALA B 74 10.95 33.85 28.14
C ALA B 74 11.79 34.76 27.24
N ALA B 75 12.81 34.19 26.60
CA ALA B 75 13.65 34.92 25.63
C ALA B 75 14.46 33.93 24.80
N ASN B 76 14.42 34.10 23.47
CA ASN B 76 15.13 33.21 22.55
C ASN B 76 16.61 33.62 22.47
N THR B 77 17.29 33.43 23.60
CA THR B 77 18.71 33.77 23.71
C THR B 77 19.43 32.67 24.47
N VAL B 78 20.69 32.43 24.11
CA VAL B 78 21.53 31.42 24.75
C VAL B 78 22.82 32.08 25.20
N TYR B 79 23.27 31.75 26.40
CA TYR B 79 24.45 32.34 27.01
C TYR B 79 25.48 31.25 27.27
N LEU B 80 26.70 31.45 26.76
CA LEU B 80 27.80 30.53 27.00
C LEU B 80 28.83 31.24 27.88
N GLN B 81 28.67 31.11 29.20
CA GLN B 81 29.61 31.66 30.17
C GLN B 81 30.83 30.74 30.21
N MET B 82 31.95 31.22 29.69
CA MET B 82 33.15 30.41 29.54
C MET B 82 34.29 30.97 30.39
N ASN B 83 35.03 30.06 31.01
CA ASN B 83 36.10 30.42 31.94
C ASN B 83 37.30 29.52 31.68
N SER B 84 38.40 29.83 32.36
CA SER B 84 39.62 29.01 32.34
C SER B 84 40.08 28.74 30.91
N LEU B 85 40.19 29.81 30.12
CA LEU B 85 40.50 29.67 28.71
C LEU B 85 41.94 29.20 28.52
N LYS B 86 42.14 28.38 27.49
CA LYS B 86 43.43 27.81 27.15
C LYS B 86 43.77 28.11 25.70
N PRO B 87 45.05 28.18 25.33
CA PRO B 87 45.41 28.62 23.98
C PRO B 87 44.91 27.70 22.87
N GLU B 88 44.41 26.50 23.20
CA GLU B 88 43.85 25.59 22.22
C GLU B 88 42.39 25.91 21.88
N ASP B 89 41.84 27.00 22.40
CA ASP B 89 40.47 27.39 22.15
C ASP B 89 40.35 28.54 21.15
N THR B 90 41.38 28.75 20.34
CA THR B 90 41.35 29.80 19.30
C THR B 90 40.52 29.29 18.14
N ALA B 91 39.29 29.79 18.02
CA ALA B 91 38.39 29.37 16.96
C ALA B 91 37.25 30.36 16.86
N VAL B 92 36.60 30.38 15.69
CA VAL B 92 35.40 31.17 15.49
C VAL B 92 34.22 30.41 16.06
N TYR B 93 33.52 31.00 17.02
CA TYR B 93 32.39 30.35 17.67
C TYR B 93 31.10 30.72 16.93
N TYR B 94 30.37 29.69 16.50
CA TYR B 94 29.14 29.86 15.74
C TYR B 94 27.94 29.53 16.61
N CYS B 95 26.85 30.28 16.42
CA CYS B 95 25.61 30.04 17.13
C CYS B 95 24.66 29.26 16.24
N ASN B 96 24.22 28.09 16.71
CA ASN B 96 23.34 27.22 15.96
C ASN B 96 22.03 27.04 16.71
N VAL B 97 20.94 26.90 15.95
CA VAL B 97 19.61 26.68 16.51
C VAL B 97 18.94 25.58 15.70
N LYS B 98 18.40 24.57 16.40
CA LYS B 98 17.72 23.43 15.78
C LYS B 98 16.22 23.66 15.88
N ASP B 99 15.56 23.85 14.75
CA ASP B 99 14.12 24.09 14.72
C ASP B 99 13.38 22.79 14.41
N PHE B 100 12.31 22.54 15.17
CA PHE B 100 11.55 21.29 15.07
C PHE B 100 10.12 21.52 14.60
N GLY B 101 9.87 22.62 13.89
CA GLY B 101 8.52 22.89 13.41
C GLY B 101 8.02 21.82 12.46
N ALA B 102 8.86 21.41 11.52
CA ALA B 102 8.60 20.22 10.73
C ALA B 102 9.06 19.00 11.53
N ILE B 103 8.11 18.10 11.82
CA ILE B 103 8.34 17.08 12.84
C ILE B 103 9.33 16.02 12.39
N ILE B 104 9.50 15.84 11.10
CA ILE B 104 10.24 14.69 10.60
C ILE B 104 11.75 14.93 10.54
N TYR B 105 12.17 16.18 10.34
CA TYR B 105 13.58 16.48 10.14
C TYR B 105 13.99 17.69 10.97
N ASP B 106 15.30 17.94 10.99
CA ASP B 106 15.88 19.06 11.71
C ASP B 106 16.15 20.20 10.72
N TYR B 107 15.93 21.43 11.17
CA TYR B 107 16.06 22.61 10.31
C TYR B 107 17.07 23.56 10.97
N ASP B 108 18.26 23.66 10.37
CA ASP B 108 19.38 24.36 11.01
C ASP B 108 19.31 25.86 10.75
N TYR B 109 19.52 26.64 11.82
CA TYR B 109 19.79 28.07 11.72
C TYR B 109 21.23 28.33 12.16
N TRP B 110 22.06 28.78 11.22
CA TRP B 110 23.44 29.10 11.52
C TRP B 110 23.62 30.61 11.71
N GLY B 111 24.83 30.96 12.16
CA GLY B 111 25.19 32.35 12.35
C GLY B 111 26.49 32.68 11.64
N GLN B 112 26.77 33.99 11.60
CA GLN B 112 27.94 34.45 10.85
C GLN B 112 29.23 34.11 11.59
N GLY B 113 29.27 34.33 12.90
CA GLY B 113 30.42 33.96 13.69
C GLY B 113 31.15 35.12 14.34
N THR B 114 31.76 34.86 15.50
CA THR B 114 32.56 35.86 16.21
C THR B 114 33.94 35.27 16.49
N GLN B 115 34.98 36.00 16.09
CA GLN B 115 36.34 35.52 16.28
C GLN B 115 36.72 35.54 17.75
N VAL B 116 37.44 34.50 18.19
CA VAL B 116 37.91 34.38 19.56
C VAL B 116 39.33 33.83 19.52
N THR B 117 40.31 34.68 19.86
CA THR B 117 41.71 34.28 19.97
C THR B 117 42.16 34.42 21.41
N VAL B 118 42.94 33.46 21.89
CA VAL B 118 43.44 33.45 23.26
C VAL B 118 44.96 33.30 23.27
N SER B 119 45.56 34.26 23.95
CA SER B 119 46.98 34.48 24.09
C SER B 119 47.75 33.52 24.92
N SER B 120 48.85 33.03 24.36
CA SER B 120 49.71 32.10 25.05
C SER B 120 50.04 32.68 26.42
C1 ALE C . -4.61 -6.85 4.67
C2 ALE C . -5.42 -7.52 5.53
C3 ALE C . -4.97 -7.80 6.86
C4 ALE C . -3.69 -7.39 7.27
C5 ALE C . -2.88 -6.73 6.40
C6 ALE C . -3.32 -6.46 5.09
O1 ALE C . -5.81 -8.49 7.76
O2 ALE C . -3.23 -7.70 8.64
O3 ALE C . -4.20 -5.58 2.59
C9 ALE C . -5.47 -8.76 0.24
N1 ALE C . -5.85 -7.72 1.12
C8 ALE C . -5.08 -7.86 2.39
C7 ALE C . -5.09 -6.53 3.20
S SO4 D . -38.87 -19.28 -13.37
O1 SO4 D . -39.90 -18.25 -13.16
O2 SO4 D . -38.09 -18.93 -14.55
O3 SO4 D . -39.53 -20.57 -13.54
O4 SO4 D . -37.97 -19.30 -12.22
S SO4 E . 6.41 22.73 3.75
O1 SO4 E . 6.51 24.16 4.06
O2 SO4 E . 5.92 22.56 2.38
O3 SO4 E . 7.72 22.09 3.88
O4 SO4 E . 5.47 22.11 4.68
S SO4 F . -20.55 -12.07 -9.74
O1 SO4 F . -20.61 -12.39 -11.17
O2 SO4 F . -21.82 -11.50 -9.33
O3 SO4 F . -19.46 -11.11 -9.53
O4 SO4 F . -20.32 -13.29 -8.97
S SO4 G . -23.22 -34.77 -28.04
O1 SO4 G . -23.84 -34.46 -26.75
O2 SO4 G . -24.23 -34.75 -29.09
O3 SO4 G . -22.62 -36.11 -27.98
O4 SO4 G . -22.19 -33.79 -28.34
S SO4 H . -49.23 -15.27 -18.62
O1 SO4 H . -48.89 -15.81 -19.93
O2 SO4 H . -50.24 -14.23 -18.75
O3 SO4 H . -48.03 -14.72 -18.00
O4 SO4 H . -49.75 -16.35 -17.79
S SO4 I . -14.71 -18.35 11.76
O1 SO4 I . -14.34 -17.14 11.04
O2 SO4 I . -16.12 -18.25 12.13
O3 SO4 I . -14.51 -19.51 10.88
O4 SO4 I . -13.88 -18.49 12.95
NA NA J . -8.93 -19.45 -4.55
N1 EPE K . -16.47 -6.60 -14.33
C2 EPE K . -15.30 -7.13 -15.05
C3 EPE K . -15.61 -8.56 -15.52
N4 EPE K . -16.21 -9.39 -14.49
C5 EPE K . -17.16 -8.77 -13.56
C6 EPE K . -16.70 -7.40 -13.12
C7 EPE K . -16.24 -10.83 -14.65
C8 EPE K . -16.46 -11.60 -13.35
O8 EPE K . -17.84 -11.76 -13.09
C9 EPE K . -16.26 -5.20 -13.96
C10 EPE K . -17.40 -4.37 -14.55
S EPE K . -18.52 -3.74 -13.27
O1S EPE K . -19.39 -4.82 -12.81
O2S EPE K . -19.34 -2.66 -13.83
O3S EPE K . -17.74 -3.22 -12.14
C1 CLR L . -17.64 -7.22 17.78
C2 CLR L . -18.78 -8.22 17.69
C3 CLR L . -20.13 -7.52 17.92
C4 CLR L . -20.38 -6.47 16.83
C5 CLR L . -19.28 -5.44 16.98
C6 CLR L . -19.63 -4.15 17.17
C7 CLR L . -18.64 -3.03 17.35
C8 CLR L . -17.24 -3.43 16.96
C9 CLR L . -16.88 -4.84 17.46
C10 CLR L . -17.84 -5.93 16.94
C11 CLR L . -15.38 -5.18 17.18
C12 CLR L . -14.42 -4.09 17.69
C13 CLR L . -14.79 -2.72 17.15
C14 CLR L . -16.22 -2.46 17.56
C15 CLR L . -16.43 -0.98 17.25
C16 CLR L . -15.07 -0.39 17.63
C17 CLR L . -14.06 -1.54 17.78
C18 CLR L . -14.62 -2.65 15.63
C19 CLR L . -17.59 -6.27 15.47
C20 CLR L . -12.64 -1.17 17.25
C21 CLR L . -11.70 -2.33 16.98
C22 CLR L . -11.97 -0.22 18.25
C23 CLR L . -11.21 0.91 17.57
C24 CLR L . -10.76 1.95 18.60
C25 CLR L . -9.30 2.34 18.46
C26 CLR L . -9.05 3.68 19.13
C27 CLR L . -8.41 1.25 19.04
O1 CLR L . -21.28 -8.35 18.06
C10 1WV M . -10.04 2.38 -6.32
C13 1WV M . -12.26 -0.83 -6.03
C17 1WV M . -14.42 -3.44 -6.30
C20 1WV M . -13.29 -5.48 -7.16
C07 1WV M . -7.98 5.18 -4.52
C08 1WV M . -8.44 4.28 -5.66
C09 1WV M . -9.61 3.39 -5.25
C11 1WV M . -10.73 1.17 -5.71
C12 1WV M . -11.60 0.38 -6.70
C14 1WV M . -13.58 -1.25 -6.69
O15 1WV M . -14.66 -1.04 -5.81
O16 1WV M . -13.54 -2.61 -7.02
C18 1WV M . -14.61 -4.74 -7.08
O19 1WV M . -15.08 -4.43 -8.36
O21 1WV M . -13.44 -6.76 -6.59
#